data_8IAN
#
_entry.id   8IAN
#
_cell.length_a   115.356
_cell.length_b   115.356
_cell.length_c   94.713
_cell.angle_alpha   90.00
_cell.angle_beta   90.00
_cell.angle_gamma   120.00
#
_symmetry.space_group_name_H-M   'P 32 2 1'
#
loop_
_entity.id
_entity.type
_entity.pdbx_description
1 polymer 'PET hydrolase'
2 non-polymer 2-acetamido-2-deoxy-beta-D-glucopyranose
3 non-polymer 'CALCIUM ION'
4 water water
#
_entity_poly.entity_id   1
_entity_poly.type   'polypeptide(L)'
_entity_poly.pdbx_seq_one_letter_code
;EFNPYQKGPDPTASALERNGPFAIRSTSVSRTSVSGFGGGRLYYPTASGTYGAIAVSPGFTGTSSTMTFWGERLASHGFV
VLVIDTITLYDQPDSRARQLKAALDYLATQNGRSSSPIYRKVDTSRRAVAGHSMGGGGSLLAARDNPSYKAAIPMAPWNT
SSTAFRTVSVPTMIFGCQDDSIAPVFSSAIPIYNAIPNSTRKNYVEIRNDDHFCVMNGGGHDATLGKLGISWMKRFVDND
TRYSPFVCGAEYNRVVSSYEVSRSYNNCPY
;
_entity_poly.pdbx_strand_id   A,B
#
loop_
_chem_comp.id
_chem_comp.type
_chem_comp.name
_chem_comp.formula
CA non-polymer 'CALCIUM ION' 'Ca 2'
NAG D-saccharide, beta linking 2-acetamido-2-deoxy-beta-D-glucopyranose 'C8 H15 N O6'
#
# COMPACT_ATOMS: atom_id res chain seq x y z
N GLU A 1 -10.31 7.90 -11.87
CA GLU A 1 -10.57 6.42 -11.82
C GLU A 1 -9.30 5.61 -11.51
N PHE A 2 -8.14 5.82 -12.18
CA PHE A 2 -6.83 5.35 -11.62
C PHE A 2 -6.51 6.18 -10.37
N ASN A 3 -6.31 5.53 -9.22
CA ASN A 3 -5.80 6.25 -8.03
C ASN A 3 -4.43 5.70 -7.69
N PRO A 4 -3.34 6.44 -7.95
CA PRO A 4 -1.99 6.00 -7.58
C PRO A 4 -1.71 5.90 -6.07
N TYR A 5 -2.53 6.53 -5.24
CA TYR A 5 -2.31 6.63 -3.78
C TYR A 5 -3.05 5.49 -3.09
N GLN A 6 -3.69 4.61 -3.86
CA GLN A 6 -4.56 3.56 -3.29
C GLN A 6 -3.69 2.53 -2.59
N LYS A 7 -4.00 2.18 -1.35
CA LYS A 7 -3.24 1.13 -0.62
C LYS A 7 -4.20 0.37 0.28
N GLY A 8 -3.79 -0.85 0.60
CA GLY A 8 -4.53 -1.77 1.46
C GLY A 8 -5.74 -2.34 0.74
N PRO A 9 -6.35 -3.38 1.33
CA PRO A 9 -7.48 -4.04 0.72
C PRO A 9 -8.73 -3.18 0.90
N ASP A 10 -9.80 -3.59 0.23
CA ASP A 10 -11.12 -2.91 0.30
C ASP A 10 -11.54 -2.92 1.76
N PRO A 11 -11.95 -1.76 2.30
CA PRO A 11 -12.21 -1.64 3.73
C PRO A 11 -13.48 -2.37 4.17
N THR A 12 -13.41 -2.98 5.34
CA THR A 12 -14.56 -3.52 6.09
C THR A 12 -14.61 -2.84 7.45
N ALA A 13 -15.82 -2.67 7.98
CA ALA A 13 -16.06 -2.02 9.29
C ALA A 13 -15.08 -2.64 10.28
N SER A 14 -15.05 -3.95 10.37
CA SER A 14 -14.25 -4.72 11.36
C SER A 14 -12.75 -4.38 11.22
N ALA A 15 -12.23 -4.30 9.99
CA ALA A 15 -10.81 -4.00 9.70
C ALA A 15 -10.49 -2.59 10.18
N LEU A 16 -11.44 -1.66 10.02
CA LEU A 16 -11.17 -0.21 10.31
C LEU A 16 -11.32 0.05 11.80
N GLU A 17 -11.79 -0.92 12.55
CA GLU A 17 -12.05 -0.80 14.01
C GLU A 17 -10.85 -1.32 14.80
N ARG A 18 -9.76 -1.66 14.10
CA ARG A 18 -8.54 -2.19 14.78
C ARG A 18 -7.30 -1.80 13.99
N ASN A 19 -6.13 -2.14 14.53
CA ASN A 19 -4.83 -1.84 13.91
C ASN A 19 -4.85 -2.42 12.50
N GLY A 20 -4.32 -1.65 11.56
CA GLY A 20 -4.50 -1.91 10.12
C GLY A 20 -3.55 -2.98 9.60
N PRO A 21 -3.61 -3.25 8.29
CA PRO A 21 -2.78 -4.29 7.70
C PRO A 21 -1.31 -3.91 7.55
N PHE A 22 -0.89 -2.68 7.85
CA PHE A 22 0.52 -2.33 7.62
C PHE A 22 1.28 -2.53 8.93
N ALA A 23 2.33 -3.33 8.90
CA ALA A 23 3.32 -3.38 9.99
C ALA A 23 3.92 -1.98 10.12
N ILE A 24 4.10 -1.50 11.34
CA ILE A 24 4.62 -0.14 11.65
C ILE A 24 5.82 -0.24 12.59
N ARG A 25 6.67 0.78 12.59
CA ARG A 25 7.66 1.02 13.66
C ARG A 25 7.41 2.43 14.15
N SER A 26 7.79 2.71 15.39
CA SER A 26 7.87 4.08 15.92
C SER A 26 9.31 4.35 16.34
N THR A 27 9.68 5.61 16.22
CA THR A 27 10.88 6.23 16.83
C THR A 27 10.42 7.56 17.40
N SER A 28 11.15 8.08 18.35
CA SER A 28 10.91 9.43 18.91
C SER A 28 11.78 10.42 18.13
N VAL A 29 11.32 11.65 18.07
CA VAL A 29 12.06 12.78 17.48
C VAL A 29 12.40 13.71 18.64
N SER A 30 13.68 13.74 19.01
CA SER A 30 14.23 14.57 20.11
C SER A 30 13.83 16.02 19.89
N ARG A 31 13.44 16.70 20.96
CA ARG A 31 13.28 18.17 21.02
C ARG A 31 14.55 18.82 20.46
N THR A 32 15.73 18.33 20.85
CA THR A 32 17.03 18.96 20.49
C THR A 32 17.31 18.82 18.99
N SER A 33 16.73 17.85 18.28
CA SER A 33 17.04 17.61 16.84
C SER A 33 16.20 18.50 15.92
N VAL A 34 15.19 19.21 16.44
CA VAL A 34 14.27 20.02 15.59
C VAL A 34 14.11 21.38 16.24
N SER A 35 13.97 22.39 15.40
CA SER A 35 13.27 23.66 15.69
C SER A 35 11.99 23.65 14.84
N GLY A 36 11.04 24.47 15.23
CA GLY A 36 9.70 24.53 14.62
C GLY A 36 8.69 23.85 15.50
N PHE A 37 9.10 22.86 16.30
CA PHE A 37 8.20 22.10 17.20
C PHE A 37 9.02 21.35 18.25
N GLY A 38 8.34 20.70 19.20
CA GLY A 38 8.98 20.21 20.43
C GLY A 38 9.38 18.75 20.34
N GLY A 39 9.63 18.26 19.12
CA GLY A 39 9.86 16.81 18.86
C GLY A 39 8.53 16.06 18.83
N GLY A 40 8.56 14.78 19.15
CA GLY A 40 7.34 13.96 19.26
C GLY A 40 7.62 12.52 18.92
N ARG A 41 6.60 11.83 18.41
CA ARG A 41 6.63 10.37 18.20
C ARG A 41 6.23 10.12 16.75
N LEU A 42 7.10 9.42 16.01
CA LEU A 42 6.94 9.14 14.58
C LEU A 42 6.51 7.68 14.43
N TYR A 43 5.44 7.43 13.69
CA TYR A 43 4.94 6.09 13.34
C TYR A 43 4.95 6.00 11.81
N TYR A 44 5.37 4.87 11.27
CA TYR A 44 5.49 4.70 9.81
C TYR A 44 5.29 3.23 9.45
N PRO A 45 4.73 2.96 8.24
CA PRO A 45 4.70 1.61 7.69
C PRO A 45 6.14 1.18 7.35
N THR A 46 6.49 -0.08 7.59
CA THR A 46 7.80 -0.64 7.17
C THR A 46 7.73 -1.05 5.69
N ALA A 47 6.55 -1.39 5.15
CA ALA A 47 6.41 -1.72 3.71
C ALA A 47 6.91 -0.56 2.84
N SER A 48 7.67 -0.84 1.78
CA SER A 48 8.17 0.18 0.82
C SER A 48 6.99 0.85 0.12
N GLY A 49 7.13 2.11 -0.20
CA GLY A 49 6.06 2.96 -0.74
C GLY A 49 6.16 4.34 -0.16
N THR A 50 5.42 5.28 -0.72
CA THR A 50 5.27 6.62 -0.13
C THR A 50 3.81 6.75 0.34
N TYR A 51 3.68 7.38 1.49
CA TYR A 51 2.39 7.48 2.20
C TYR A 51 2.12 8.95 2.41
N GLY A 52 0.86 9.28 2.65
CA GLY A 52 0.48 10.60 3.12
C GLY A 52 1.13 10.87 4.46
N ALA A 53 1.39 12.14 4.74
CA ALA A 53 2.05 12.61 5.97
C ALA A 53 1.00 13.28 6.83
N ILE A 54 0.91 12.88 8.10
CA ILE A 54 -0.08 13.40 9.07
C ILE A 54 0.67 13.87 10.29
N ALA A 55 0.46 15.12 10.68
CA ALA A 55 0.98 15.72 11.93
C ALA A 55 -0.21 15.92 12.89
N VAL A 56 -0.08 15.50 14.14
CA VAL A 56 -1.18 15.49 15.14
C VAL A 56 -0.72 16.29 16.37
N SER A 57 -1.46 17.31 16.78
CA SER A 57 -1.09 18.16 17.95
C SER A 57 -1.98 17.89 19.16
N PRO A 58 -1.39 17.65 20.35
CA PRO A 58 -2.14 17.68 21.60
C PRO A 58 -2.63 19.10 21.88
N GLY A 59 -3.41 19.27 22.95
CA GLY A 59 -3.92 20.59 23.37
C GLY A 59 -3.08 21.18 24.50
N PHE A 60 -3.59 22.22 25.16
CA PHE A 60 -2.95 22.97 26.29
C PHE A 60 -2.47 21.98 27.35
N THR A 61 -1.18 22.04 27.69
CA THR A 61 -0.47 21.14 28.64
C THR A 61 -0.67 19.67 28.20
N GLY A 62 -0.89 19.43 26.93
CA GLY A 62 -0.95 18.06 26.36
C GLY A 62 0.40 17.61 25.84
N THR A 63 0.66 16.30 25.88
CA THR A 63 1.90 15.63 25.43
C THR A 63 1.55 14.62 24.33
N SER A 64 2.53 14.31 23.49
CA SER A 64 2.37 13.40 22.33
C SER A 64 1.90 12.03 22.83
N SER A 65 2.33 11.66 24.03
CA SER A 65 2.01 10.37 24.70
C SER A 65 0.48 10.16 24.74
N THR A 66 -0.31 11.21 24.83
CA THR A 66 -1.79 11.11 25.03
C THR A 66 -2.49 10.84 23.68
N MET A 67 -1.78 10.86 22.57
CA MET A 67 -2.39 10.68 21.23
C MET A 67 -1.69 9.59 20.42
N THR A 68 -0.92 8.71 21.08
CA THR A 68 -0.14 7.64 20.39
C THR A 68 -1.14 6.69 19.72
N PHE A 69 -2.36 6.58 20.25
CA PHE A 69 -3.43 5.81 19.60
C PHE A 69 -3.56 6.24 18.12
N TRP A 70 -3.60 7.55 17.92
CA TRP A 70 -3.76 8.15 16.56
C TRP A 70 -2.55 7.80 15.69
N GLY A 71 -1.34 7.87 16.26
CA GLY A 71 -0.10 7.49 15.56
C GLY A 71 -0.19 6.06 15.06
N GLU A 72 -0.52 5.13 15.95
CA GLU A 72 -0.47 3.69 15.65
C GLU A 72 -1.64 3.32 14.76
N ARG A 73 -2.84 3.83 15.07
CA ARG A 73 -4.06 3.38 14.36
C ARG A 73 -4.00 3.90 12.92
N LEU A 74 -3.60 5.16 12.72
CA LEU A 74 -3.48 5.77 11.36
C LEU A 74 -2.29 5.16 10.60
N ALA A 75 -1.10 5.07 11.21
CA ALA A 75 0.09 4.56 10.52
C ALA A 75 -0.18 3.13 10.04
N SER A 76 -0.83 2.29 10.86
CA SER A 76 -1.08 0.86 10.55
C SER A 76 -2.05 0.72 9.36
N HIS A 77 -2.78 1.78 8.98
CA HIS A 77 -3.69 1.78 7.80
C HIS A 77 -3.02 2.43 6.57
N GLY A 78 -1.76 2.87 6.72
CA GLY A 78 -0.89 3.23 5.59
C GLY A 78 -0.67 4.72 5.49
N PHE A 79 -0.13 5.28 6.56
CA PHE A 79 0.26 6.71 6.66
C PHE A 79 1.52 6.84 7.50
N VAL A 80 2.25 7.93 7.26
CA VAL A 80 3.37 8.37 8.13
C VAL A 80 2.75 9.41 9.06
N VAL A 81 2.82 9.17 10.36
CA VAL A 81 2.16 10.04 11.36
C VAL A 81 3.19 10.54 12.36
N LEU A 82 3.25 11.84 12.52
CA LEU A 82 4.04 12.47 13.60
C LEU A 82 3.10 13.12 14.61
N VAL A 83 3.01 12.54 15.81
CA VAL A 83 2.29 13.13 16.98
C VAL A 83 3.28 14.03 17.68
N ILE A 84 3.06 15.35 17.62
CA ILE A 84 4.08 16.33 18.07
C ILE A 84 3.94 16.57 19.57
N ASP A 85 5.04 16.97 20.19
CA ASP A 85 5.11 17.78 21.42
C ASP A 85 5.31 19.24 21.02
N THR A 86 4.77 20.17 21.79
CA THR A 86 4.84 21.61 21.47
C THR A 86 6.15 22.17 22.02
N ILE A 87 6.55 23.34 21.54
CA ILE A 87 7.74 24.08 22.04
C ILE A 87 7.54 24.33 23.53
N THR A 88 6.34 24.74 23.95
CA THR A 88 5.93 24.83 25.38
C THR A 88 4.54 24.21 25.55
N LEU A 89 4.26 23.72 26.75
CA LEU A 89 2.94 23.17 27.09
C LEU A 89 1.87 24.25 26.94
N TYR A 90 2.27 25.53 26.91
CA TYR A 90 1.35 26.68 27.03
C TYR A 90 1.10 27.32 25.66
N ASP A 91 1.59 26.73 24.57
CA ASP A 91 1.41 27.30 23.21
C ASP A 91 -0.07 27.39 22.89
N GLN A 92 -0.48 28.51 22.28
CA GLN A 92 -1.85 28.79 21.82
C GLN A 92 -2.05 28.12 20.46
N PRO A 93 -3.30 28.04 19.95
CA PRO A 93 -3.57 27.43 18.64
C PRO A 93 -2.75 27.96 17.45
N ASP A 94 -2.61 29.28 17.24
CA ASP A 94 -1.82 29.84 16.11
C ASP A 94 -0.42 29.24 16.15
N SER A 95 0.17 29.16 17.33
CA SER A 95 1.49 28.50 17.55
C SER A 95 1.41 27.01 17.18
N ARG A 96 0.43 26.26 17.69
CA ARG A 96 0.27 24.81 17.37
C ARG A 96 0.10 24.64 15.85
N ALA A 97 -0.55 25.60 15.19
CA ALA A 97 -0.67 25.66 13.71
C ALA A 97 0.71 25.75 13.06
N ARG A 98 1.60 26.63 13.52
CA ARG A 98 2.97 26.74 12.96
C ARG A 98 3.73 25.44 13.21
N GLN A 99 3.56 24.83 14.39
CA GLN A 99 4.36 23.65 14.75
C GLN A 99 3.92 22.46 13.89
N LEU A 100 2.63 22.35 13.60
CA LEU A 100 2.10 21.26 12.74
C LEU A 100 2.69 21.45 11.34
N LYS A 101 2.66 22.68 10.83
CA LYS A 101 3.28 23.05 9.53
C LYS A 101 4.74 22.59 9.50
N ALA A 102 5.50 22.93 10.54
CA ALA A 102 6.96 22.66 10.64
C ALA A 102 7.19 21.15 10.76
N ALA A 103 6.35 20.43 11.49
CA ALA A 103 6.48 18.96 11.67
C ALA A 103 6.27 18.26 10.31
N LEU A 104 5.36 18.81 9.51
CA LEU A 104 5.07 18.27 8.17
C LEU A 104 6.27 18.58 7.26
N ASP A 105 6.85 19.78 7.39
CA ASP A 105 8.09 20.20 6.72
C ASP A 105 9.21 19.25 7.12
N TYR A 106 9.33 18.91 8.40
CA TYR A 106 10.34 17.96 8.91
C TYR A 106 10.18 16.62 8.17
N LEU A 107 8.97 16.07 8.11
CA LEU A 107 8.78 14.73 7.52
C LEU A 107 9.30 14.76 6.07
N ALA A 108 9.01 15.85 5.35
CA ALA A 108 9.44 16.03 3.94
C ALA A 108 10.97 16.02 3.86
N THR A 109 11.67 16.69 4.76
CA THR A 109 13.16 16.69 4.87
C THR A 109 13.67 15.27 5.14
N GLN A 110 13.15 14.62 6.17
CA GLN A 110 13.66 13.30 6.59
C GLN A 110 13.46 12.30 5.43
N ASN A 111 12.47 12.57 4.59
CA ASN A 111 12.12 11.68 3.47
C ASN A 111 13.27 11.59 2.46
N GLY A 112 14.14 12.60 2.42
CA GLY A 112 15.33 12.61 1.53
C GLY A 112 16.63 12.19 2.23
N ARG A 113 16.59 11.87 3.52
CA ARG A 113 17.79 11.52 4.34
C ARG A 113 17.92 10.00 4.43
N SER A 114 18.93 9.39 3.78
CA SER A 114 19.13 7.92 3.70
C SER A 114 19.31 7.32 5.11
N SER A 115 19.69 8.13 6.09
CA SER A 115 19.79 7.70 7.50
C SER A 115 18.40 7.60 8.18
N SER A 116 17.32 8.17 7.60
CA SER A 116 16.03 8.34 8.33
C SER A 116 15.23 7.05 8.20
N PRO A 117 14.53 6.62 9.28
CA PRO A 117 13.65 5.47 9.15
C PRO A 117 12.54 5.75 8.14
N ILE A 118 12.26 7.02 7.80
CA ILE A 118 11.16 7.34 6.83
C ILE A 118 11.75 7.85 5.50
N TYR A 119 13.01 7.50 5.25
CA TYR A 119 13.63 7.72 3.93
C TYR A 119 12.69 7.14 2.87
N ARG A 120 12.26 7.99 1.92
CA ARG A 120 11.42 7.59 0.76
C ARG A 120 10.12 6.89 1.23
N LYS A 121 9.52 7.35 2.32
CA LYS A 121 8.21 6.82 2.79
C LYS A 121 7.17 7.92 2.74
N VAL A 122 7.54 9.15 2.41
CA VAL A 122 6.67 10.34 2.54
C VAL A 122 6.42 10.92 1.16
N ASP A 123 5.15 10.97 0.79
CA ASP A 123 4.66 11.75 -0.37
C ASP A 123 4.43 13.16 0.14
N THR A 124 5.43 14.00 -0.10
CA THR A 124 5.52 15.43 0.27
C THR A 124 4.29 16.23 -0.16
N SER A 125 3.59 15.79 -1.19
CA SER A 125 2.46 16.54 -1.79
C SER A 125 1.12 16.17 -1.13
N ARG A 126 1.10 15.25 -0.16
CA ARG A 126 -0.14 14.73 0.47
C ARG A 126 -0.01 14.77 1.98
N ARG A 127 -0.44 15.88 2.55
CA ARG A 127 -0.28 16.25 3.97
C ARG A 127 -1.65 16.46 4.61
N ALA A 128 -1.75 16.10 5.89
CA ALA A 128 -2.97 16.30 6.69
C ALA A 128 -2.55 16.65 8.13
N VAL A 129 -3.50 17.20 8.85
CA VAL A 129 -3.32 17.61 10.27
C VAL A 129 -4.53 17.18 11.08
N ALA A 130 -4.29 16.98 12.36
CA ALA A 130 -5.30 16.65 13.38
C ALA A 130 -4.78 17.13 14.74
N GLY A 131 -5.67 17.20 15.70
CA GLY A 131 -5.28 17.69 17.04
C GLY A 131 -6.44 17.74 17.98
N HIS A 132 -6.12 17.67 19.25
CA HIS A 132 -7.04 17.75 20.39
C HIS A 132 -7.10 19.17 20.89
N SER A 133 -8.32 19.69 21.02
CA SER A 133 -8.61 20.93 21.79
C SER A 133 -7.87 22.09 21.10
N MET A 134 -6.96 22.79 21.81
CA MET A 134 -6.22 23.91 21.20
C MET A 134 -5.42 23.39 20.00
N GLY A 135 -5.01 22.11 20.05
CA GLY A 135 -4.41 21.36 18.92
C GLY A 135 -5.39 21.12 17.79
N GLY A 136 -6.68 21.01 18.08
CA GLY A 136 -7.73 20.89 17.05
C GLY A 136 -7.88 22.20 16.32
N GLY A 137 -8.03 23.31 17.06
CA GLY A 137 -8.01 24.68 16.51
C GLY A 137 -6.75 24.90 15.68
N GLY A 138 -5.60 24.52 16.25
CA GLY A 138 -4.31 24.62 15.56
C GLY A 138 -4.36 23.91 14.23
N SER A 139 -4.90 22.69 14.22
CA SER A 139 -5.01 21.85 13.01
C SER A 139 -5.89 22.55 11.95
N LEU A 140 -6.96 23.23 12.34
CA LEU A 140 -7.88 23.88 11.39
C LEU A 140 -7.23 25.18 10.88
N LEU A 141 -6.53 25.89 11.77
CA LEU A 141 -5.74 27.10 11.40
C LEU A 141 -4.67 26.71 10.37
N ALA A 142 -3.95 25.62 10.59
CA ALA A 142 -2.86 25.19 9.71
C ALA A 142 -3.51 24.83 8.37
N ALA A 143 -4.72 24.24 8.40
CA ALA A 143 -5.41 23.83 7.16
C ALA A 143 -5.84 25.08 6.38
N ARG A 144 -6.35 26.10 7.07
CA ARG A 144 -6.69 27.43 6.51
C ARG A 144 -5.46 28.06 5.85
N ASP A 145 -4.33 28.04 6.53
CA ASP A 145 -3.12 28.81 6.12
C ASP A 145 -2.28 27.97 5.15
N ASN A 146 -2.57 26.66 5.01
CA ASN A 146 -1.95 25.74 4.05
C ASN A 146 -3.05 25.00 3.29
N PRO A 147 -3.70 25.65 2.31
CA PRO A 147 -4.81 25.03 1.61
C PRO A 147 -4.37 23.88 0.70
N SER A 148 -3.07 23.63 0.53
CA SER A 148 -2.60 22.45 -0.26
C SER A 148 -2.80 21.17 0.59
N TYR A 149 -2.93 21.32 1.91
CA TYR A 149 -3.22 20.19 2.82
C TYR A 149 -4.47 19.49 2.35
N LYS A 150 -4.49 18.17 2.50
CA LYS A 150 -5.53 17.28 1.95
C LYS A 150 -6.67 17.11 2.97
N ALA A 151 -6.39 17.16 4.28
CA ALA A 151 -7.40 16.85 5.32
C ALA A 151 -7.02 17.44 6.68
N ALA A 152 -8.05 17.76 7.46
CA ALA A 152 -7.96 18.20 8.87
C ALA A 152 -8.97 17.44 9.71
N ILE A 153 -8.53 16.97 10.88
CA ILE A 153 -9.43 16.36 11.91
C ILE A 153 -9.19 17.05 13.24
N PRO A 154 -9.87 18.19 13.49
CA PRO A 154 -9.92 18.81 14.82
C PRO A 154 -10.77 17.94 15.75
N MET A 155 -10.23 17.59 16.92
CA MET A 155 -10.90 16.71 17.91
C MET A 155 -11.12 17.54 19.18
N ALA A 156 -12.39 17.80 19.50
CA ALA A 156 -12.84 18.59 20.66
C ALA A 156 -12.13 19.93 20.64
N PRO A 157 -12.25 20.68 19.54
CA PRO A 157 -11.58 21.95 19.40
C PRO A 157 -12.01 22.92 20.50
N TRP A 158 -11.07 23.74 20.99
CA TRP A 158 -11.27 24.76 22.05
C TRP A 158 -12.01 25.96 21.42
N ASN A 159 -11.78 27.19 21.86
CA ASN A 159 -12.63 28.36 21.50
C ASN A 159 -11.82 29.36 20.66
N THR A 160 -10.98 28.93 19.74
CA THR A 160 -10.60 29.81 18.61
C THR A 160 -11.95 30.22 17.99
N SER A 161 -12.16 31.51 17.73
CA SER A 161 -13.42 32.02 17.16
C SER A 161 -13.73 31.26 15.88
N SER A 162 -14.99 30.81 15.73
CA SER A 162 -15.46 30.07 14.52
C SER A 162 -15.31 30.95 13.29
N THR A 163 -15.28 32.27 13.49
CA THR A 163 -15.11 33.31 12.44
C THR A 163 -13.80 33.04 11.69
N ALA A 164 -12.74 32.61 12.39
CA ALA A 164 -11.39 32.36 11.86
C ALA A 164 -11.42 31.26 10.78
N PHE A 165 -12.49 30.48 10.64
CA PHE A 165 -12.49 29.26 9.80
C PHE A 165 -13.45 29.41 8.62
N ARG A 166 -13.90 30.63 8.33
CA ARG A 166 -14.95 30.83 7.28
C ARG A 166 -14.35 30.64 5.88
N THR A 167 -13.03 30.50 5.73
CA THR A 167 -12.39 30.33 4.41
C THR A 167 -11.64 29.01 4.35
N VAL A 168 -11.95 28.05 5.23
CA VAL A 168 -11.28 26.72 5.19
C VAL A 168 -11.75 25.95 3.96
N SER A 169 -10.81 25.55 3.12
CA SER A 169 -11.11 24.84 1.85
C SER A 169 -10.64 23.39 1.97
N VAL A 170 -10.05 23.02 3.12
CA VAL A 170 -9.46 21.65 3.33
C VAL A 170 -10.53 20.78 3.96
N PRO A 171 -10.82 19.61 3.35
CA PRO A 171 -11.82 18.69 3.90
C PRO A 171 -11.58 18.40 5.40
N THR A 172 -12.60 18.71 6.22
CA THR A 172 -12.53 18.78 7.69
C THR A 172 -13.58 17.89 8.33
N MET A 173 -13.11 16.94 9.11
CA MET A 173 -13.93 16.05 9.95
C MET A 173 -13.71 16.50 11.40
N ILE A 174 -14.75 16.93 12.10
CA ILE A 174 -14.61 17.39 13.50
C ILE A 174 -15.20 16.31 14.42
N PHE A 175 -14.42 15.88 15.40
CA PHE A 175 -14.94 15.04 16.52
C PHE A 175 -15.39 15.95 17.66
N GLY A 176 -16.57 15.67 18.20
CA GLY A 176 -17.07 16.29 19.43
C GLY A 176 -17.25 15.26 20.52
N CYS A 177 -17.10 15.68 21.77
CA CYS A 177 -17.43 14.87 22.96
C CYS A 177 -18.65 15.51 23.64
N GLN A 178 -19.81 14.84 23.61
CA GLN A 178 -21.10 15.49 23.94
C GLN A 178 -21.07 16.22 25.29
N ASP A 179 -20.44 15.63 26.32
CA ASP A 179 -20.52 16.16 27.70
C ASP A 179 -19.18 16.80 28.04
N ASP A 180 -18.46 17.25 27.02
CA ASP A 180 -17.27 18.10 27.15
C ASP A 180 -17.64 19.38 27.90
N SER A 181 -17.00 19.60 29.05
CA SER A 181 -17.21 20.79 29.92
C SER A 181 -16.07 21.80 29.75
N ILE A 182 -14.99 21.41 29.09
CA ILE A 182 -13.79 22.26 28.85
C ILE A 182 -14.01 23.01 27.55
N ALA A 183 -14.54 22.34 26.52
CA ALA A 183 -14.86 22.94 25.20
C ALA A 183 -16.23 22.44 24.78
N PRO A 184 -17.30 22.95 25.40
CA PRO A 184 -18.66 22.47 25.14
C PRO A 184 -18.98 22.48 23.64
N VAL A 185 -19.43 21.32 23.12
CA VAL A 185 -19.63 21.10 21.66
C VAL A 185 -20.56 22.19 21.10
N PHE A 186 -21.55 22.63 21.88
CA PHE A 186 -22.65 23.49 21.38
C PHE A 186 -22.13 24.91 21.12
N SER A 187 -21.12 25.37 21.87
CA SER A 187 -20.50 26.71 21.71
C SER A 187 -19.12 26.65 21.00
N SER A 188 -18.46 25.50 20.94
CA SER A 188 -17.07 25.35 20.42
C SER A 188 -17.09 24.57 19.10
N ALA A 189 -17.16 23.25 19.14
CA ALA A 189 -17.05 22.37 17.96
C ALA A 189 -18.12 22.75 16.92
N ILE A 190 -19.38 22.92 17.32
CA ILE A 190 -20.50 22.96 16.33
C ILE A 190 -20.49 24.29 15.59
N PRO A 191 -20.25 25.44 16.24
CA PRO A 191 -20.09 26.69 15.50
C PRO A 191 -18.91 26.66 14.53
N ILE A 192 -17.81 25.99 14.89
CA ILE A 192 -16.64 25.83 13.98
C ILE A 192 -17.11 25.03 12.77
N TYR A 193 -17.74 23.87 12.97
CA TYR A 193 -18.33 23.08 11.86
C TYR A 193 -19.15 24.00 10.94
N ASN A 194 -20.03 24.83 11.50
CA ASN A 194 -21.02 25.63 10.74
C ASN A 194 -20.31 26.79 10.01
N ALA A 195 -19.19 27.27 10.53
CA ALA A 195 -18.40 28.37 9.94
C ALA A 195 -17.64 27.92 8.68
N ILE A 196 -17.42 26.61 8.50
CA ILE A 196 -16.65 26.09 7.34
C ILE A 196 -17.52 26.21 6.10
N PRO A 197 -16.98 26.75 5.00
CA PRO A 197 -17.71 26.81 3.74
C PRO A 197 -18.38 25.48 3.42
N ASN A 198 -19.61 25.55 2.92
CA ASN A 198 -20.43 24.38 2.58
C ASN A 198 -19.91 23.69 1.32
N SER A 199 -19.04 24.34 0.56
CA SER A 199 -18.37 23.71 -0.62
C SER A 199 -17.25 22.78 -0.13
N THR A 200 -16.73 23.01 1.08
CA THR A 200 -15.66 22.21 1.74
C THR A 200 -16.28 20.91 2.24
N ARG A 201 -15.83 19.77 1.73
CA ARG A 201 -16.21 18.44 2.24
C ARG A 201 -16.00 18.45 3.76
N LYS A 202 -17.08 18.31 4.52
CA LYS A 202 -16.98 18.37 6.00
C LYS A 202 -17.93 17.39 6.66
N ASN A 203 -17.73 17.21 7.96
CA ASN A 203 -18.38 16.16 8.75
C ASN A 203 -18.17 16.50 10.23
N TYR A 204 -19.19 16.25 11.05
CA TYR A 204 -19.13 16.40 12.52
C TYR A 204 -19.75 15.13 13.08
N VAL A 205 -18.98 14.41 13.90
CA VAL A 205 -19.49 13.26 14.70
C VAL A 205 -19.25 13.55 16.18
N GLU A 206 -20.33 13.46 16.95
CA GLU A 206 -20.32 13.77 18.40
C GLU A 206 -20.53 12.48 19.17
N ILE A 207 -19.55 12.13 19.98
CA ILE A 207 -19.61 10.96 20.90
C ILE A 207 -20.50 11.28 22.09
N ARG A 208 -21.56 10.50 22.26
CA ARG A 208 -22.56 10.59 23.34
C ARG A 208 -21.91 10.25 24.68
N ASN A 209 -22.29 11.01 25.71
CA ASN A 209 -22.13 10.64 27.14
C ASN A 209 -20.64 10.44 27.42
N ASP A 210 -19.83 11.41 27.04
CA ASP A 210 -18.38 11.34 27.28
C ASP A 210 -17.81 12.75 27.26
N ASP A 211 -16.61 12.91 27.80
CA ASP A 211 -16.02 14.22 28.19
C ASP A 211 -14.92 14.63 27.19
N HIS A 212 -14.29 15.76 27.46
CA HIS A 212 -13.28 16.42 26.62
C HIS A 212 -12.21 15.44 26.11
N PHE A 213 -11.94 14.38 26.85
CA PHE A 213 -10.80 13.47 26.58
C PHE A 213 -11.32 12.19 25.90
N CYS A 214 -12.56 12.18 25.41
CA CYS A 214 -13.18 11.00 24.76
C CYS A 214 -12.41 10.64 23.46
N VAL A 215 -11.63 11.56 22.92
CA VAL A 215 -10.86 11.32 21.67
C VAL A 215 -9.42 10.89 21.95
N MET A 216 -8.95 10.85 23.19
CA MET A 216 -7.52 10.58 23.52
C MET A 216 -7.31 9.11 23.89
N ASN A 217 -6.05 8.74 24.12
CA ASN A 217 -5.63 7.38 24.56
C ASN A 217 -6.55 6.97 25.71
N GLY A 218 -7.29 5.88 25.51
CA GLY A 218 -8.14 5.27 26.55
C GLY A 218 -9.48 5.97 26.64
N GLY A 219 -9.85 6.80 25.68
CA GLY A 219 -11.12 7.53 25.70
C GLY A 219 -12.35 6.62 25.63
N GLY A 220 -12.18 5.36 25.18
CA GLY A 220 -13.25 4.35 25.15
C GLY A 220 -13.95 4.29 23.81
N HIS A 221 -13.42 4.94 22.76
CA HIS A 221 -14.06 4.95 21.41
C HIS A 221 -13.03 4.69 20.31
N ASP A 222 -12.01 3.87 20.61
CA ASP A 222 -10.96 3.49 19.62
C ASP A 222 -11.59 2.97 18.32
N ALA A 223 -12.56 2.05 18.41
CA ALA A 223 -13.12 1.35 17.23
C ALA A 223 -13.77 2.37 16.30
N THR A 224 -14.67 3.20 16.82
CA THR A 224 -15.52 4.10 16.00
C THR A 224 -14.72 5.32 15.52
N LEU A 225 -14.06 6.02 16.44
CA LEU A 225 -13.26 7.23 16.11
C LEU A 225 -12.12 6.85 15.17
N GLY A 226 -11.43 5.75 15.45
CA GLY A 226 -10.34 5.26 14.58
C GLY A 226 -10.85 5.01 13.17
N LYS A 227 -11.97 4.30 13.08
CA LYS A 227 -12.62 3.95 11.79
C LYS A 227 -12.97 5.25 11.08
N LEU A 228 -13.54 6.23 11.77
CA LEU A 228 -13.87 7.52 11.12
C LEU A 228 -12.58 8.24 10.69
N GLY A 229 -11.56 8.27 11.54
CA GLY A 229 -10.31 9.02 11.25
C GLY A 229 -9.55 8.37 10.10
N ILE A 230 -9.38 7.07 10.17
CA ILE A 230 -8.77 6.29 9.05
C ILE A 230 -9.50 6.66 7.76
N SER A 231 -10.83 6.61 7.79
CA SER A 231 -11.69 6.78 6.59
C SER A 231 -11.56 8.20 6.05
N TRP A 232 -11.52 9.20 6.92
CA TRP A 232 -11.35 10.61 6.49
C TRP A 232 -9.99 10.78 5.79
N MET A 233 -8.93 10.26 6.39
CA MET A 233 -7.56 10.39 5.85
C MET A 233 -7.47 9.59 4.55
N LYS A 234 -7.97 8.36 4.54
CA LYS A 234 -7.95 7.54 3.32
C LYS A 234 -8.69 8.31 2.22
N ARG A 235 -9.91 8.80 2.54
CA ARG A 235 -10.77 9.47 1.53
C ARG A 235 -10.06 10.68 0.91
N PHE A 236 -9.44 11.54 1.72
CA PHE A 236 -8.94 12.84 1.22
C PHE A 236 -7.42 12.88 1.05
N VAL A 237 -6.66 12.26 1.94
CA VAL A 237 -5.17 12.18 1.78
C VAL A 237 -4.84 11.23 0.63
N ASP A 238 -5.51 10.08 0.52
CA ASP A 238 -5.21 9.09 -0.54
C ASP A 238 -6.21 9.21 -1.72
N ASN A 239 -7.20 10.12 -1.65
CA ASN A 239 -8.27 10.27 -2.68
C ASN A 239 -8.87 8.89 -2.93
N ASP A 240 -9.01 8.08 -1.87
CA ASP A 240 -9.50 6.69 -1.93
C ASP A 240 -11.00 6.67 -1.62
N THR A 241 -11.83 6.62 -2.65
CA THR A 241 -13.29 6.76 -2.53
C THR A 241 -13.90 5.43 -2.12
N ARG A 242 -13.10 4.37 -1.96
CA ARG A 242 -13.56 3.14 -1.28
C ARG A 242 -13.97 3.44 0.17
N TYR A 243 -13.58 4.59 0.73
CA TYR A 243 -13.82 4.95 2.15
C TYR A 243 -15.07 5.86 2.29
N SER A 244 -15.68 6.26 1.17
CA SER A 244 -16.94 7.07 1.17
C SER A 244 -18.00 6.39 2.03
N PRO A 245 -18.28 5.08 1.90
CA PRO A 245 -19.35 4.51 2.69
C PRO A 245 -19.16 4.73 4.20
N PHE A 246 -17.91 4.89 4.67
CA PHE A 246 -17.54 5.03 6.10
C PHE A 246 -17.68 6.48 6.57
N VAL A 247 -17.80 7.46 5.69
CA VAL A 247 -17.99 8.88 6.12
C VAL A 247 -19.32 9.45 5.60
N CYS A 248 -19.99 8.77 4.67
CA CYS A 248 -21.22 9.29 4.00
C CYS A 248 -22.29 8.20 3.82
N GLY A 249 -21.92 6.93 3.61
CA GLY A 249 -22.90 5.89 3.28
C GLY A 249 -23.27 4.99 4.44
N ALA A 250 -23.50 3.72 4.13
CA ALA A 250 -24.16 2.71 4.99
C ALA A 250 -23.40 2.58 6.30
N GLU A 251 -22.06 2.56 6.25
CA GLU A 251 -21.26 2.27 7.46
C GLU A 251 -21.16 3.51 8.33
N TYR A 252 -21.20 4.70 7.74
CA TYR A 252 -21.29 5.97 8.49
C TYR A 252 -22.64 6.01 9.18
N ASN A 253 -23.71 5.64 8.47
CA ASN A 253 -25.10 5.69 9.02
C ASN A 253 -25.18 4.75 10.22
N ARG A 254 -24.62 3.55 10.08
CA ARG A 254 -24.51 2.56 11.18
C ARG A 254 -24.01 3.32 12.42
N VAL A 255 -22.87 3.99 12.28
CA VAL A 255 -22.15 4.62 13.41
C VAL A 255 -23.05 5.71 13.99
N VAL A 256 -23.56 6.55 13.12
CA VAL A 256 -24.12 7.88 13.46
C VAL A 256 -25.59 7.73 13.91
N SER A 257 -26.19 6.55 13.69
CA SER A 257 -27.54 6.23 14.22
C SER A 257 -27.36 5.31 15.43
N SER A 258 -26.11 5.05 15.83
CA SER A 258 -25.85 4.11 16.94
C SER A 258 -25.99 4.90 18.23
N TYR A 259 -26.14 4.20 19.35
CA TYR A 259 -26.19 4.76 20.71
C TYR A 259 -24.87 5.48 21.07
N GLU A 260 -23.77 5.12 20.42
CA GLU A 260 -22.45 5.74 20.69
C GLU A 260 -22.42 7.20 20.24
N VAL A 261 -23.33 7.62 19.37
CA VAL A 261 -23.28 8.99 18.74
C VAL A 261 -24.52 9.83 19.09
N SER A 262 -24.30 11.06 19.58
CA SER A 262 -25.40 11.99 19.99
C SER A 262 -25.69 13.05 18.93
N ARG A 263 -24.75 13.33 18.01
CA ARG A 263 -24.96 14.30 16.89
C ARG A 263 -24.09 13.93 15.70
N SER A 264 -24.51 14.38 14.53
CA SER A 264 -23.92 14.03 13.22
C SER A 264 -24.28 15.17 12.26
N TYR A 265 -23.33 15.84 11.64
CA TYR A 265 -23.61 16.75 10.51
C TYR A 265 -22.64 16.47 9.37
N ASN A 266 -23.04 16.77 8.14
CA ASN A 266 -22.16 16.61 6.97
C ASN A 266 -22.86 17.18 5.74
N ASN A 267 -22.09 17.50 4.70
CA ASN A 267 -22.60 17.92 3.38
C ASN A 267 -22.39 16.73 2.44
N CYS A 268 -22.62 15.51 2.91
CA CYS A 268 -22.59 14.32 2.02
C CYS A 268 -23.64 14.50 0.92
N PRO A 269 -23.52 13.83 -0.25
CA PRO A 269 -22.46 12.83 -0.50
C PRO A 269 -21.11 13.37 -0.98
N TYR A 270 -20.05 12.64 -0.64
CA TYR A 270 -18.70 12.80 -1.26
C TYR A 270 -17.92 11.50 -1.07
N GLU B 1 7.00 11.39 -7.17
CA GLU B 1 7.55 11.73 -8.51
C GLU B 1 8.89 11.01 -8.73
N PHE B 2 9.89 11.26 -7.86
CA PHE B 2 11.22 10.62 -7.96
C PHE B 2 11.02 9.12 -7.85
N ASN B 3 11.61 8.32 -8.72
CA ASN B 3 11.50 6.84 -8.53
C ASN B 3 12.88 6.31 -8.19
N PRO B 4 13.14 6.02 -6.91
CA PRO B 4 14.43 5.47 -6.51
C PRO B 4 14.70 4.06 -7.04
N TYR B 5 13.67 3.31 -7.44
CA TYR B 5 13.81 1.87 -7.80
C TYR B 5 13.93 1.77 -9.32
N GLN B 6 13.84 2.89 -10.02
CA GLN B 6 13.92 2.90 -11.48
C GLN B 6 15.29 2.43 -11.91
N LYS B 7 15.36 1.43 -12.79
CA LYS B 7 16.64 0.96 -13.38
C LYS B 7 16.45 0.73 -14.88
N GLY B 8 17.52 0.96 -15.62
CA GLY B 8 17.63 0.56 -17.02
C GLY B 8 17.11 1.66 -17.92
N PRO B 9 17.36 1.54 -19.24
CA PRO B 9 16.97 2.58 -20.18
C PRO B 9 15.45 2.51 -20.34
N ASP B 10 14.90 3.58 -20.88
CA ASP B 10 13.49 3.64 -21.32
C ASP B 10 13.21 2.39 -22.14
N PRO B 11 12.16 1.62 -21.78
CA PRO B 11 11.86 0.37 -22.47
C PRO B 11 11.42 0.60 -23.91
N THR B 12 11.92 -0.23 -24.83
CA THR B 12 11.32 -0.40 -26.17
C THR B 12 10.82 -1.83 -26.25
N ALA B 13 9.81 -2.08 -27.07
CA ALA B 13 9.18 -3.40 -27.20
C ALA B 13 10.27 -4.44 -27.54
N SER B 14 11.17 -4.12 -28.47
CA SER B 14 12.22 -5.06 -28.96
C SER B 14 13.21 -5.37 -27.84
N ALA B 15 13.59 -4.39 -27.03
CA ALA B 15 14.44 -4.58 -25.83
C ALA B 15 13.75 -5.53 -24.84
N LEU B 16 12.43 -5.45 -24.69
CA LEU B 16 11.71 -6.28 -23.67
C LEU B 16 11.45 -7.70 -24.20
N GLU B 17 11.71 -7.92 -25.49
CA GLU B 17 11.46 -9.19 -26.20
C GLU B 17 12.73 -10.06 -26.19
N ARG B 18 13.80 -9.61 -25.52
CA ARG B 18 15.08 -10.38 -25.38
C ARG B 18 15.71 -10.13 -24.02
N ASN B 19 16.78 -10.86 -23.67
CA ASN B 19 17.49 -10.66 -22.38
C ASN B 19 17.83 -9.17 -22.27
N GLY B 20 17.70 -8.61 -21.07
CA GLY B 20 17.79 -7.15 -20.85
C GLY B 20 19.24 -6.70 -20.70
N PRO B 21 19.48 -5.45 -20.28
CA PRO B 21 20.81 -4.86 -20.39
C PRO B 21 21.71 -5.15 -19.18
N PHE B 22 21.20 -5.89 -18.20
CA PHE B 22 21.94 -6.28 -16.98
C PHE B 22 22.61 -7.62 -17.19
N ALA B 23 23.95 -7.63 -17.23
CA ALA B 23 24.74 -8.88 -17.17
C ALA B 23 24.30 -9.61 -15.90
N ILE B 24 24.04 -10.90 -16.02
CA ILE B 24 23.59 -11.75 -14.88
C ILE B 24 24.58 -12.91 -14.73
N ARG B 25 24.41 -13.63 -13.63
CA ARG B 25 24.95 -14.97 -13.38
C ARG B 25 23.87 -15.76 -12.66
N SER B 26 24.03 -17.06 -12.60
CA SER B 26 23.09 -18.00 -11.95
C SER B 26 23.91 -19.01 -11.19
N THR B 27 23.34 -19.52 -10.13
CA THR B 27 23.90 -20.57 -9.25
C THR B 27 22.76 -21.52 -8.96
N SER B 28 23.05 -22.78 -8.73
CA SER B 28 22.11 -23.74 -8.12
C SER B 28 22.02 -23.37 -6.65
N VAL B 29 20.88 -23.60 -6.02
CA VAL B 29 20.70 -23.52 -4.55
C VAL B 29 20.35 -24.93 -4.12
N SER B 30 21.32 -25.63 -3.52
CA SER B 30 21.19 -27.07 -3.19
C SER B 30 20.05 -27.23 -2.19
N ARG B 31 19.38 -28.39 -2.26
CA ARG B 31 18.14 -28.78 -1.54
C ARG B 31 18.38 -28.90 -0.03
N THR B 32 19.61 -29.26 0.37
CA THR B 32 19.97 -29.54 1.79
C THR B 32 20.45 -28.23 2.45
N SER B 33 20.77 -27.21 1.66
CA SER B 33 21.31 -25.90 2.12
C SER B 33 20.17 -24.97 2.55
N VAL B 34 18.90 -25.40 2.41
CA VAL B 34 17.72 -24.54 2.73
C VAL B 34 16.61 -25.40 3.34
N SER B 35 15.76 -24.75 4.12
CA SER B 35 14.45 -25.27 4.60
C SER B 35 13.33 -24.32 4.14
N GLY B 36 12.11 -24.85 4.05
CA GLY B 36 10.92 -24.14 3.58
C GLY B 36 10.63 -24.43 2.12
N PHE B 37 11.63 -24.90 1.36
CA PHE B 37 11.50 -25.20 -0.09
C PHE B 37 12.66 -26.09 -0.56
N GLY B 38 12.57 -26.60 -1.79
CA GLY B 38 13.43 -27.67 -2.35
C GLY B 38 14.66 -27.15 -3.08
N GLY B 39 15.15 -25.95 -2.76
CA GLY B 39 16.29 -25.35 -3.48
C GLY B 39 15.82 -24.77 -4.79
N GLY B 40 16.72 -24.52 -5.74
CA GLY B 40 16.37 -24.11 -7.11
C GLY B 40 17.51 -23.38 -7.78
N ARG B 41 17.17 -22.45 -8.67
CA ARG B 41 18.19 -21.72 -9.47
C ARG B 41 18.03 -20.23 -9.22
N LEU B 42 19.11 -19.59 -8.80
CA LEU B 42 19.18 -18.15 -8.49
C LEU B 42 19.80 -17.42 -9.67
N TYR B 43 19.14 -16.37 -10.15
CA TYR B 43 19.69 -15.43 -11.18
C TYR B 43 19.81 -14.09 -10.49
N TYR B 44 20.82 -13.31 -10.86
CA TYR B 44 21.14 -12.04 -10.18
C TYR B 44 21.94 -11.16 -11.14
N PRO B 45 21.68 -9.84 -11.16
CA PRO B 45 22.51 -8.94 -11.93
C PRO B 45 23.85 -8.76 -11.20
N THR B 46 24.91 -8.51 -11.96
CA THR B 46 26.29 -8.38 -11.45
C THR B 46 26.52 -6.90 -11.09
N ALA B 47 25.81 -5.98 -11.75
CA ALA B 47 26.00 -4.54 -11.55
C ALA B 47 25.70 -4.17 -10.10
N SER B 48 26.47 -3.23 -9.56
CA SER B 48 26.33 -2.67 -8.20
C SER B 48 24.91 -2.12 -8.06
N GLY B 49 24.12 -2.67 -7.14
CA GLY B 49 22.87 -2.05 -6.70
C GLY B 49 21.98 -3.03 -5.98
N THR B 50 20.78 -2.58 -5.59
CA THR B 50 19.75 -3.44 -4.96
C THR B 50 18.56 -3.55 -5.92
N TYR B 51 17.98 -4.73 -5.97
CA TYR B 51 16.94 -5.12 -6.95
C TYR B 51 15.76 -5.74 -6.20
N GLY B 52 14.58 -5.66 -6.80
CA GLY B 52 13.42 -6.42 -6.31
C GLY B 52 13.71 -7.90 -6.33
N ALA B 53 13.07 -8.64 -5.43
CA ALA B 53 13.21 -10.10 -5.29
C ALA B 53 11.96 -10.79 -5.84
N ILE B 54 12.17 -11.79 -6.67
CA ILE B 54 11.08 -12.59 -7.29
C ILE B 54 11.33 -14.08 -7.02
N ALA B 55 10.30 -14.79 -6.58
CA ALA B 55 10.35 -16.25 -6.45
C ALA B 55 9.30 -16.83 -7.41
N VAL B 56 9.72 -17.80 -8.23
CA VAL B 56 8.94 -18.42 -9.34
C VAL B 56 8.78 -19.93 -9.07
N SER B 57 7.55 -20.44 -8.97
CA SER B 57 7.25 -21.88 -8.71
C SER B 57 6.78 -22.61 -9.97
N PRO B 58 7.30 -23.83 -10.24
CA PRO B 58 6.74 -24.68 -11.29
C PRO B 58 5.48 -25.36 -10.76
N GLY B 59 4.79 -26.09 -11.64
CA GLY B 59 3.56 -26.80 -11.29
C GLY B 59 3.83 -28.26 -11.00
N PHE B 60 2.75 -29.02 -10.81
CA PHE B 60 2.74 -30.47 -10.45
C PHE B 60 3.81 -31.22 -11.28
N THR B 61 4.68 -31.95 -10.58
CA THR B 61 5.80 -32.77 -11.13
C THR B 61 6.79 -31.93 -11.93
N GLY B 62 6.64 -30.59 -11.92
CA GLY B 62 7.58 -29.63 -12.52
C GLY B 62 8.81 -29.41 -11.64
N THR B 63 9.95 -29.12 -12.30
CA THR B 63 11.26 -28.77 -11.70
C THR B 63 11.56 -27.30 -12.02
N SER B 64 12.52 -26.73 -11.31
CA SER B 64 13.00 -25.34 -11.51
C SER B 64 13.44 -25.19 -12.97
N SER B 65 14.13 -26.19 -13.54
CA SER B 65 14.61 -26.14 -14.96
C SER B 65 13.46 -25.74 -15.91
N THR B 66 12.23 -26.14 -15.61
CA THR B 66 11.04 -25.91 -16.49
C THR B 66 10.67 -24.42 -16.53
N MET B 67 11.14 -23.60 -15.57
CA MET B 67 10.71 -22.19 -15.42
C MET B 67 11.92 -21.23 -15.42
N THR B 68 13.12 -21.74 -15.74
CA THR B 68 14.37 -20.95 -15.65
C THR B 68 14.38 -19.80 -16.65
N PHE B 69 13.67 -19.90 -17.76
CA PHE B 69 13.54 -18.77 -18.71
C PHE B 69 13.19 -17.47 -17.95
N TRP B 70 12.31 -17.59 -16.95
CA TRP B 70 11.77 -16.45 -16.16
C TRP B 70 12.89 -15.87 -15.28
N GLY B 71 13.64 -16.76 -14.61
CA GLY B 71 14.88 -16.43 -13.89
C GLY B 71 15.77 -15.57 -14.75
N GLU B 72 16.04 -16.01 -15.98
CA GLU B 72 17.05 -15.39 -16.85
C GLU B 72 16.48 -14.11 -17.46
N ARG B 73 15.24 -14.19 -17.97
CA ARG B 73 14.63 -13.07 -18.72
C ARG B 73 14.33 -11.92 -17.75
N LEU B 74 13.77 -12.20 -16.56
CA LEU B 74 13.49 -11.18 -15.54
C LEU B 74 14.81 -10.64 -14.97
N ALA B 75 15.76 -11.51 -14.58
CA ALA B 75 17.00 -11.07 -13.90
C ALA B 75 17.81 -10.13 -14.80
N SER B 76 17.86 -10.43 -16.08
CA SER B 76 18.61 -9.63 -17.07
C SER B 76 17.97 -8.24 -17.27
N HIS B 77 16.74 -8.03 -16.79
CA HIS B 77 16.06 -6.70 -16.81
C HIS B 77 16.13 -6.00 -15.44
N GLY B 78 16.79 -6.59 -14.44
CA GLY B 78 17.15 -5.90 -13.18
C GLY B 78 16.39 -6.44 -11.99
N PHE B 79 16.40 -7.76 -11.83
CA PHE B 79 15.74 -8.41 -10.69
C PHE B 79 16.65 -9.51 -10.19
N VAL B 80 16.52 -9.82 -8.90
CA VAL B 80 17.06 -11.06 -8.31
C VAL B 80 15.90 -12.03 -8.25
N VAL B 81 16.06 -13.16 -8.94
CA VAL B 81 14.96 -14.14 -9.20
C VAL B 81 15.44 -15.52 -8.78
N LEU B 82 14.63 -16.21 -7.99
CA LEU B 82 14.89 -17.58 -7.51
C LEU B 82 13.81 -18.51 -8.09
N VAL B 83 14.15 -19.33 -9.10
CA VAL B 83 13.19 -20.34 -9.64
C VAL B 83 13.28 -21.55 -8.73
N ILE B 84 12.24 -21.84 -7.96
CA ILE B 84 12.36 -22.88 -6.89
C ILE B 84 12.12 -24.28 -7.47
N ASP B 85 12.64 -25.26 -6.74
CA ASP B 85 12.21 -26.67 -6.73
C ASP B 85 11.31 -26.86 -5.52
N THR B 86 10.22 -27.58 -5.68
CA THR B 86 9.30 -27.84 -4.54
C THR B 86 9.92 -28.91 -3.66
N ILE B 87 9.36 -29.10 -2.47
CA ILE B 87 9.94 -30.03 -1.47
C ILE B 87 9.71 -31.44 -2.02
N THR B 88 8.50 -31.68 -2.55
CA THR B 88 8.14 -32.87 -3.36
C THR B 88 7.45 -32.41 -4.64
N LEU B 89 7.43 -33.29 -5.64
CA LEU B 89 6.85 -33.01 -6.98
C LEU B 89 5.31 -32.97 -6.89
N TYR B 90 4.72 -33.33 -5.75
CA TYR B 90 3.25 -33.54 -5.61
C TYR B 90 2.66 -32.50 -4.63
N ASP B 91 3.42 -31.47 -4.29
CA ASP B 91 3.00 -30.39 -3.35
C ASP B 91 1.79 -29.67 -3.96
N GLN B 92 0.76 -29.44 -3.14
CA GLN B 92 -0.50 -28.76 -3.54
C GLN B 92 -0.25 -27.25 -3.60
N PRO B 93 -1.15 -26.46 -4.22
CA PRO B 93 -0.95 -25.00 -4.32
C PRO B 93 -0.67 -24.34 -2.95
N ASP B 94 -1.32 -24.77 -1.85
CA ASP B 94 -1.15 -24.09 -0.54
C ASP B 94 0.28 -24.33 -0.02
N SER B 95 0.84 -25.51 -0.29
CA SER B 95 2.26 -25.80 0.04
C SER B 95 3.19 -25.00 -0.89
N ARG B 96 2.85 -24.87 -2.17
CA ARG B 96 3.69 -24.07 -3.10
C ARG B 96 3.76 -22.61 -2.59
N ALA B 97 2.64 -22.09 -2.09
CA ALA B 97 2.51 -20.71 -1.52
C ALA B 97 3.45 -20.53 -0.33
N ARG B 98 3.51 -21.52 0.57
CA ARG B 98 4.45 -21.50 1.74
C ARG B 98 5.88 -21.50 1.25
N GLN B 99 6.18 -22.29 0.23
CA GLN B 99 7.58 -22.47 -0.22
C GLN B 99 8.01 -21.24 -1.01
N LEU B 100 7.07 -20.54 -1.64
CA LEU B 100 7.43 -19.26 -2.32
C LEU B 100 7.82 -18.25 -1.24
N LYS B 101 7.08 -18.20 -0.12
CA LYS B 101 7.36 -17.27 1.00
C LYS B 101 8.75 -17.57 1.60
N ALA B 102 9.06 -18.85 1.85
CA ALA B 102 10.36 -19.29 2.42
C ALA B 102 11.49 -18.90 1.47
N ALA B 103 11.28 -19.06 0.17
CA ALA B 103 12.26 -18.71 -0.88
C ALA B 103 12.58 -17.22 -0.83
N LEU B 104 11.56 -16.38 -0.72
CA LEU B 104 11.74 -14.90 -0.63
C LEU B 104 12.41 -14.57 0.71
N ASP B 105 11.98 -15.20 1.80
CA ASP B 105 12.64 -15.09 3.13
C ASP B 105 14.13 -15.47 2.97
N TYR B 106 14.44 -16.53 2.22
CA TYR B 106 15.81 -17.01 1.98
C TYR B 106 16.59 -15.90 1.27
N LEU B 107 16.05 -15.36 0.18
CA LEU B 107 16.75 -14.27 -0.56
C LEU B 107 17.07 -13.13 0.43
N ALA B 108 16.16 -12.82 1.36
CA ALA B 108 16.35 -11.75 2.37
C ALA B 108 17.57 -12.12 3.25
N THR B 109 17.57 -13.32 3.85
CA THR B 109 18.73 -13.88 4.63
C THR B 109 20.05 -13.76 3.85
N GLN B 110 20.10 -14.18 2.59
CA GLN B 110 21.36 -14.26 1.79
C GLN B 110 21.89 -12.86 1.44
N ASN B 111 20.99 -11.90 1.27
CA ASN B 111 21.33 -10.47 1.08
C ASN B 111 22.23 -9.96 2.21
N GLY B 112 22.03 -10.49 3.43
CA GLY B 112 22.81 -10.15 4.65
C GLY B 112 23.94 -11.13 4.98
N ARG B 113 24.25 -12.07 4.10
CA ARG B 113 25.36 -13.06 4.30
C ARG B 113 26.41 -12.82 3.23
N SER B 114 27.58 -12.30 3.63
CA SER B 114 28.69 -11.91 2.72
C SER B 114 29.15 -13.11 1.88
N SER B 115 28.88 -14.34 2.34
CA SER B 115 29.19 -15.62 1.64
C SER B 115 28.30 -15.80 0.39
N SER B 116 27.18 -15.06 0.31
CA SER B 116 26.19 -15.12 -0.80
C SER B 116 26.66 -14.28 -1.98
N PRO B 117 26.53 -14.80 -3.23
CA PRO B 117 26.77 -13.97 -4.41
C PRO B 117 25.73 -12.84 -4.53
N ILE B 118 24.61 -12.92 -3.78
CA ILE B 118 23.57 -11.84 -3.73
C ILE B 118 23.68 -11.04 -2.40
N TYR B 119 24.86 -11.01 -1.78
CA TYR B 119 25.16 -10.07 -0.65
C TYR B 119 24.89 -8.64 -1.11
N ARG B 120 24.00 -7.95 -0.40
CA ARG B 120 23.61 -6.53 -0.70
C ARG B 120 23.10 -6.37 -2.14
N LYS B 121 22.46 -7.38 -2.73
CA LYS B 121 21.89 -7.23 -4.10
C LYS B 121 20.37 -7.13 -4.03
N VAL B 122 19.77 -7.37 -2.86
CA VAL B 122 18.30 -7.53 -2.73
C VAL B 122 17.76 -6.39 -1.87
N ASP B 123 16.83 -5.61 -2.43
CA ASP B 123 15.89 -4.77 -1.63
C ASP B 123 14.78 -5.70 -1.15
N THR B 124 14.87 -6.09 0.12
CA THR B 124 14.04 -7.18 0.67
C THR B 124 12.63 -6.67 0.97
N SER B 125 12.34 -5.39 0.75
CA SER B 125 10.97 -4.85 0.93
C SER B 125 10.22 -4.85 -0.41
N ARG B 126 10.83 -5.29 -1.49
CA ARG B 126 10.19 -5.34 -2.83
C ARG B 126 10.28 -6.76 -3.35
N ARG B 127 9.19 -7.50 -3.10
CA ARG B 127 9.03 -8.93 -3.44
C ARG B 127 7.83 -9.14 -4.35
N ALA B 128 7.91 -10.20 -5.15
CA ALA B 128 6.92 -10.59 -6.16
C ALA B 128 7.02 -12.12 -6.32
N VAL B 129 5.91 -12.73 -6.68
CA VAL B 129 5.83 -14.19 -6.89
C VAL B 129 5.26 -14.45 -8.29
N ALA B 130 5.64 -15.57 -8.88
CA ALA B 130 5.04 -16.07 -10.13
C ALA B 130 5.02 -17.60 -10.05
N GLY B 131 4.26 -18.24 -10.94
CA GLY B 131 4.21 -19.71 -11.00
C GLY B 131 3.46 -20.23 -12.19
N HIS B 132 3.75 -21.50 -12.52
CA HIS B 132 3.03 -22.30 -13.55
C HIS B 132 2.06 -23.26 -12.85
N SER B 133 0.82 -23.29 -13.32
CA SER B 133 -0.22 -24.28 -12.95
C SER B 133 -0.47 -24.23 -11.44
N MET B 134 -0.27 -25.34 -10.71
CA MET B 134 -0.41 -25.33 -9.22
C MET B 134 0.57 -24.30 -8.63
N GLY B 135 1.69 -24.06 -9.31
CA GLY B 135 2.66 -23.01 -8.95
C GLY B 135 2.06 -21.63 -9.08
N GLY B 136 1.14 -21.46 -10.04
CA GLY B 136 0.48 -20.18 -10.33
C GLY B 136 -0.56 -19.91 -9.27
N GLY B 137 -1.37 -20.91 -8.96
CA GLY B 137 -2.29 -20.88 -7.80
C GLY B 137 -1.51 -20.62 -6.53
N GLY B 138 -0.33 -21.23 -6.41
CA GLY B 138 0.55 -21.06 -5.25
C GLY B 138 0.96 -19.60 -5.14
N SER B 139 1.35 -19.00 -6.28
CA SER B 139 1.85 -17.61 -6.36
C SER B 139 0.72 -16.70 -5.90
N LEU B 140 -0.52 -16.98 -6.31
CA LEU B 140 -1.68 -16.12 -5.93
C LEU B 140 -2.03 -16.31 -4.45
N LEU B 141 -1.96 -17.55 -3.93
CA LEU B 141 -2.24 -17.82 -2.48
C LEU B 141 -1.16 -17.13 -1.64
N ALA B 142 0.10 -17.20 -2.04
CA ALA B 142 1.22 -16.50 -1.38
C ALA B 142 0.92 -14.99 -1.35
N ALA B 143 0.57 -14.41 -2.50
CA ALA B 143 0.29 -12.97 -2.65
C ALA B 143 -0.92 -12.62 -1.77
N ARG B 144 -1.86 -13.55 -1.65
CA ARG B 144 -3.08 -13.32 -0.83
C ARG B 144 -2.66 -13.28 0.63
N ASP B 145 -1.78 -14.21 1.02
CA ASP B 145 -1.35 -14.48 2.42
C ASP B 145 -0.21 -13.52 2.79
N ASN B 146 0.38 -12.82 1.83
CA ASN B 146 1.52 -11.89 2.05
C ASN B 146 1.22 -10.61 1.28
N PRO B 147 0.23 -9.84 1.77
CA PRO B 147 -0.28 -8.67 1.07
C PRO B 147 0.75 -7.56 0.84
N SER B 148 1.92 -7.66 1.47
CA SER B 148 3.03 -6.71 1.26
C SER B 148 3.73 -7.02 -0.06
N TYR B 149 3.52 -8.20 -0.65
CA TYR B 149 4.14 -8.53 -1.97
C TYR B 149 3.69 -7.48 -2.97
N LYS B 150 4.53 -7.11 -3.92
CA LYS B 150 4.26 -6.06 -4.91
C LYS B 150 3.49 -6.60 -6.12
N ALA B 151 3.68 -7.85 -6.53
CA ALA B 151 3.08 -8.38 -7.76
C ALA B 151 2.99 -9.91 -7.71
N ALA B 152 2.02 -10.46 -8.40
CA ALA B 152 1.84 -11.90 -8.64
C ALA B 152 1.61 -12.15 -10.14
N ILE B 153 2.29 -13.14 -10.72
CA ILE B 153 2.01 -13.60 -12.11
C ILE B 153 1.71 -15.09 -12.09
N PRO B 154 0.46 -15.51 -11.79
CA PRO B 154 0.04 -16.89 -12.00
C PRO B 154 0.02 -17.13 -13.52
N MET B 155 0.70 -18.19 -13.97
CA MET B 155 0.73 -18.58 -15.40
C MET B 155 0.02 -19.91 -15.57
N ALA B 156 -1.07 -19.93 -16.36
CA ALA B 156 -1.90 -21.12 -16.62
C ALA B 156 -2.19 -21.80 -15.30
N PRO B 157 -2.93 -21.13 -14.39
CA PRO B 157 -3.23 -21.72 -13.08
C PRO B 157 -4.06 -23.01 -13.22
N TRP B 158 -3.83 -23.99 -12.34
CA TRP B 158 -4.65 -25.21 -12.11
C TRP B 158 -5.96 -24.72 -11.46
N ASN B 159 -6.79 -25.61 -10.91
CA ASN B 159 -8.20 -25.31 -10.52
C ASN B 159 -8.38 -25.02 -9.00
N THR B 160 -7.41 -24.41 -8.29
CA THR B 160 -7.71 -23.78 -6.97
C THR B 160 -8.97 -22.91 -7.16
N SER B 161 -10.01 -23.16 -6.37
CA SER B 161 -11.29 -22.42 -6.49
C SER B 161 -11.01 -20.91 -6.54
N SER B 162 -11.54 -20.25 -7.57
CA SER B 162 -11.53 -18.77 -7.76
C SER B 162 -11.88 -18.08 -6.42
N THR B 163 -12.73 -18.74 -5.63
CA THR B 163 -13.33 -18.26 -4.37
C THR B 163 -12.23 -17.90 -3.35
N ALA B 164 -11.12 -18.63 -3.37
CA ALA B 164 -9.90 -18.39 -2.56
C ALA B 164 -9.35 -16.97 -2.74
N PHE B 165 -9.65 -16.27 -3.84
CA PHE B 165 -8.87 -15.10 -4.31
C PHE B 165 -9.74 -13.85 -4.29
N ARG B 166 -10.90 -13.94 -3.66
CA ARG B 166 -11.92 -12.86 -3.68
C ARG B 166 -11.46 -11.68 -2.80
N THR B 167 -10.33 -11.79 -2.08
CA THR B 167 -9.75 -10.69 -1.27
C THR B 167 -8.32 -10.32 -1.73
N VAL B 168 -7.84 -10.84 -2.85
CA VAL B 168 -6.44 -10.52 -3.27
C VAL B 168 -6.33 -9.01 -3.55
N SER B 169 -5.35 -8.35 -2.93
CA SER B 169 -5.08 -6.90 -3.10
C SER B 169 -3.73 -6.67 -3.81
N VAL B 170 -2.96 -7.73 -4.08
CA VAL B 170 -1.65 -7.63 -4.79
C VAL B 170 -1.87 -7.60 -6.31
N PRO B 171 -1.28 -6.61 -7.01
CA PRO B 171 -1.34 -6.55 -8.47
C PRO B 171 -1.02 -7.90 -9.14
N THR B 172 -2.01 -8.41 -9.84
CA THR B 172 -1.98 -9.77 -10.43
C THR B 172 -2.17 -9.68 -11.94
N MET B 173 -1.14 -10.11 -12.68
CA MET B 173 -1.22 -10.43 -14.13
C MET B 173 -1.33 -11.95 -14.28
N ILE B 174 -2.37 -12.43 -14.98
CA ILE B 174 -2.57 -13.89 -15.23
C ILE B 174 -2.35 -14.15 -16.72
N PHE B 175 -1.51 -15.13 -17.02
CA PHE B 175 -1.29 -15.68 -18.37
C PHE B 175 -2.15 -16.93 -18.53
N GLY B 176 -2.88 -17.01 -19.63
CA GLY B 176 -3.60 -18.23 -20.04
C GLY B 176 -3.06 -18.78 -21.36
N CYS B 177 -3.28 -20.05 -21.60
CA CYS B 177 -2.95 -20.71 -22.88
C CYS B 177 -4.28 -21.18 -23.46
N GLN B 178 -4.67 -20.61 -24.61
CA GLN B 178 -6.07 -20.68 -25.12
C GLN B 178 -6.57 -22.13 -25.13
N ASP B 179 -5.78 -23.07 -25.62
CA ASP B 179 -6.28 -24.45 -25.88
C ASP B 179 -5.78 -25.38 -24.79
N ASP B 180 -5.54 -24.83 -23.60
CA ASP B 180 -5.15 -25.62 -22.41
C ASP B 180 -6.23 -26.65 -22.20
N SER B 181 -5.87 -27.94 -22.17
CA SER B 181 -6.82 -29.04 -21.88
C SER B 181 -6.64 -29.58 -20.44
N ILE B 182 -5.56 -29.22 -19.72
CA ILE B 182 -5.29 -29.68 -18.32
C ILE B 182 -5.98 -28.73 -17.33
N ALA B 183 -5.86 -27.42 -17.56
CA ALA B 183 -6.51 -26.35 -16.78
C ALA B 183 -7.16 -25.38 -17.75
N PRO B 184 -8.33 -25.75 -18.34
CA PRO B 184 -8.94 -24.96 -19.41
C PRO B 184 -9.12 -23.53 -18.94
N VAL B 185 -8.70 -22.56 -19.74
CA VAL B 185 -8.70 -21.12 -19.34
C VAL B 185 -10.10 -20.70 -18.87
N PHE B 186 -11.18 -21.14 -19.54
CA PHE B 186 -12.54 -20.59 -19.26
C PHE B 186 -13.05 -21.07 -17.90
N SER B 187 -12.57 -22.22 -17.44
CA SER B 187 -13.03 -22.83 -16.16
C SER B 187 -12.02 -22.61 -15.03
N SER B 188 -10.73 -22.51 -15.34
CA SER B 188 -9.61 -22.47 -14.37
C SER B 188 -9.03 -21.04 -14.22
N ALA B 189 -8.55 -20.41 -15.29
CA ALA B 189 -7.79 -19.14 -15.25
C ALA B 189 -8.75 -17.95 -15.13
N ILE B 190 -9.69 -17.84 -16.06
CA ILE B 190 -10.57 -16.66 -16.20
C ILE B 190 -11.40 -16.46 -14.93
N PRO B 191 -12.04 -17.51 -14.33
CA PRO B 191 -12.78 -17.31 -13.08
C PRO B 191 -11.93 -16.65 -11.98
N ILE B 192 -10.68 -17.08 -11.85
CA ILE B 192 -9.72 -16.51 -10.88
C ILE B 192 -9.57 -15.01 -11.17
N TYR B 193 -9.23 -14.65 -12.41
CA TYR B 193 -9.23 -13.25 -12.85
C TYR B 193 -10.52 -12.57 -12.36
N ASN B 194 -11.67 -13.18 -12.60
CA ASN B 194 -12.98 -12.52 -12.35
C ASN B 194 -13.19 -12.34 -10.84
N ALA B 195 -12.58 -13.18 -10.01
CA ALA B 195 -12.86 -13.24 -8.54
C ALA B 195 -12.05 -12.17 -7.81
N ILE B 196 -10.91 -11.79 -8.36
CA ILE B 196 -10.02 -10.77 -7.74
C ILE B 196 -10.77 -9.44 -7.69
N PRO B 197 -10.72 -8.73 -6.54
CA PRO B 197 -11.37 -7.44 -6.43
C PRO B 197 -11.07 -6.51 -7.60
N ASN B 198 -12.08 -5.77 -8.02
CA ASN B 198 -11.99 -4.81 -9.13
C ASN B 198 -11.11 -3.63 -8.76
N SER B 199 -10.81 -3.40 -7.48
CA SER B 199 -9.88 -2.33 -7.01
C SER B 199 -8.43 -2.79 -7.13
N THR B 200 -8.21 -4.10 -7.23
CA THR B 200 -6.84 -4.65 -7.41
C THR B 200 -6.42 -4.42 -8.87
N ARG B 201 -5.21 -3.91 -9.09
CA ARG B 201 -4.64 -3.78 -10.46
C ARG B 201 -4.53 -5.19 -11.02
N LYS B 202 -5.20 -5.48 -12.12
CA LYS B 202 -5.17 -6.83 -12.68
C LYS B 202 -5.24 -6.82 -14.19
N ASN B 203 -4.94 -7.98 -14.75
CA ASN B 203 -4.66 -8.16 -16.19
C ASN B 203 -4.75 -9.65 -16.48
N TYR B 204 -5.38 -10.00 -17.58
CA TYR B 204 -5.41 -11.36 -18.14
C TYR B 204 -4.98 -11.25 -19.61
N VAL B 205 -3.91 -11.95 -19.97
CA VAL B 205 -3.48 -12.10 -21.39
C VAL B 205 -3.43 -13.60 -21.72
N GLU B 206 -4.09 -13.98 -22.80
CA GLU B 206 -4.20 -15.41 -23.20
C GLU B 206 -3.47 -15.61 -24.53
N ILE B 207 -2.54 -16.55 -24.54
CA ILE B 207 -1.80 -16.89 -25.77
C ILE B 207 -2.72 -17.77 -26.63
N ARG B 208 -2.88 -17.40 -27.88
CA ARG B 208 -3.79 -18.11 -28.82
C ARG B 208 -3.14 -19.42 -29.30
N ASN B 209 -3.96 -20.45 -29.47
CA ASN B 209 -3.59 -21.67 -30.22
C ASN B 209 -2.35 -22.27 -29.54
N ASP B 210 -2.44 -22.57 -28.24
CA ASP B 210 -1.28 -23.15 -27.54
C ASP B 210 -1.77 -23.85 -26.28
N ASP B 211 -0.90 -24.68 -25.71
CA ASP B 211 -1.31 -25.68 -24.71
C ASP B 211 -0.96 -25.19 -23.30
N HIS B 212 -1.15 -26.04 -22.29
CA HIS B 212 -0.90 -25.74 -20.87
C HIS B 212 0.52 -25.23 -20.59
N PHE B 213 1.48 -25.50 -21.45
CA PHE B 213 2.93 -25.28 -21.18
C PHE B 213 3.40 -24.13 -22.07
N CYS B 214 2.45 -23.36 -22.60
CA CYS B 214 2.78 -22.23 -23.50
C CYS B 214 3.49 -21.10 -22.74
N VAL B 215 3.36 -21.13 -21.41
CA VAL B 215 3.96 -20.10 -20.49
C VAL B 215 5.28 -20.59 -19.87
N MET B 216 5.59 -21.88 -19.81
CA MET B 216 6.88 -22.28 -19.18
C MET B 216 8.01 -22.29 -20.23
N ASN B 217 9.22 -22.73 -19.86
CA ASN B 217 10.39 -22.77 -20.78
C ASN B 217 9.96 -23.39 -22.11
N GLY B 218 10.34 -22.76 -23.23
CA GLY B 218 10.15 -23.26 -24.62
C GLY B 218 8.68 -23.32 -25.02
N GLY B 219 7.84 -22.55 -24.32
CA GLY B 219 6.38 -22.52 -24.54
C GLY B 219 6.04 -21.90 -25.87
N GLY B 220 7.00 -21.21 -26.50
CA GLY B 220 6.86 -20.64 -27.85
C GLY B 220 6.67 -19.13 -27.83
N HIS B 221 6.57 -18.50 -26.65
CA HIS B 221 6.10 -17.09 -26.55
C HIS B 221 7.05 -16.24 -25.69
N ASP B 222 8.34 -16.54 -25.76
CA ASP B 222 9.42 -15.91 -24.95
C ASP B 222 9.33 -14.39 -25.07
N ALA B 223 9.34 -13.85 -26.30
CA ALA B 223 9.36 -12.40 -26.54
C ALA B 223 8.16 -11.79 -25.82
N THR B 224 6.96 -12.15 -26.28
CA THR B 224 5.70 -11.49 -25.86
C THR B 224 5.42 -11.73 -24.37
N LEU B 225 5.45 -12.97 -23.89
CA LEU B 225 5.18 -13.24 -22.44
C LEU B 225 6.30 -12.62 -21.60
N GLY B 226 7.55 -12.71 -22.05
CA GLY B 226 8.67 -12.10 -21.33
C GLY B 226 8.44 -10.62 -21.25
N LYS B 227 8.01 -9.99 -22.34
CA LYS B 227 7.79 -8.52 -22.32
C LYS B 227 6.72 -8.21 -21.28
N LEU B 228 5.62 -8.94 -21.31
CA LEU B 228 4.49 -8.71 -20.36
C LEU B 228 4.98 -8.92 -18.94
N GLY B 229 5.69 -10.02 -18.67
CA GLY B 229 6.24 -10.37 -17.35
C GLY B 229 7.17 -9.28 -16.85
N ILE B 230 8.16 -8.90 -17.66
CA ILE B 230 9.17 -7.82 -17.37
C ILE B 230 8.36 -6.61 -16.92
N SER B 231 7.38 -6.23 -17.75
CA SER B 231 6.66 -4.94 -17.65
C SER B 231 5.86 -4.89 -16.34
N TRP B 232 5.26 -6.01 -15.98
CA TRP B 232 4.41 -6.14 -14.77
C TRP B 232 5.30 -6.06 -13.54
N MET B 233 6.44 -6.73 -13.59
CA MET B 233 7.39 -6.74 -12.46
C MET B 233 8.04 -5.35 -12.37
N LYS B 234 8.41 -4.74 -13.49
CA LYS B 234 8.91 -3.33 -13.48
C LYS B 234 7.82 -2.40 -12.93
N ARG B 235 6.59 -2.50 -13.42
CA ARG B 235 5.51 -1.57 -13.04
C ARG B 235 5.27 -1.62 -11.53
N PHE B 236 5.25 -2.81 -10.95
CA PHE B 236 4.77 -3.00 -9.56
C PHE B 236 5.94 -3.28 -8.59
N VAL B 237 6.99 -3.98 -9.00
CA VAL B 237 8.16 -4.24 -8.10
C VAL B 237 8.99 -2.96 -8.01
N ASP B 238 9.28 -2.34 -9.16
CA ASP B 238 10.06 -1.08 -9.24
C ASP B 238 9.17 0.18 -9.22
N ASN B 239 7.84 0.05 -9.30
CA ASN B 239 6.90 1.22 -9.36
C ASN B 239 7.30 2.01 -10.60
N ASP B 240 7.73 1.31 -11.65
CA ASP B 240 8.32 1.94 -12.85
C ASP B 240 7.20 2.14 -13.87
N THR B 241 6.65 3.35 -13.96
CA THR B 241 5.46 3.67 -14.79
C THR B 241 5.84 3.86 -16.26
N ARG B 242 7.13 3.79 -16.59
CA ARG B 242 7.60 3.68 -17.99
C ARG B 242 7.05 2.38 -18.59
N TYR B 243 6.70 1.41 -17.73
CA TYR B 243 6.23 0.06 -18.16
C TYR B 243 4.69 0.00 -18.24
N SER B 244 3.96 1.02 -17.81
CA SER B 244 2.48 1.05 -17.94
C SER B 244 2.06 0.81 -19.38
N PRO B 245 2.64 1.50 -20.41
CA PRO B 245 2.15 1.35 -21.78
C PRO B 245 2.18 -0.10 -22.28
N PHE B 246 3.04 -0.93 -21.69
CA PHE B 246 3.25 -2.34 -22.08
C PHE B 246 2.19 -3.22 -21.43
N VAL B 247 1.50 -2.71 -20.41
CA VAL B 247 0.47 -3.51 -19.71
C VAL B 247 -0.90 -2.83 -19.83
N CYS B 248 -0.97 -1.55 -20.23
CA CYS B 248 -2.25 -0.80 -20.37
C CYS B 248 -2.31 0.08 -21.63
N GLY B 249 -1.19 0.34 -22.30
CA GLY B 249 -1.12 1.38 -23.35
C GLY B 249 -1.01 0.81 -24.75
N ALA B 250 -0.47 1.64 -25.64
CA ALA B 250 -0.32 1.39 -27.10
C ALA B 250 0.40 0.07 -27.30
N GLU B 251 1.52 -0.13 -26.59
CA GLU B 251 2.39 -1.32 -26.74
C GLU B 251 1.61 -2.56 -26.28
N TYR B 252 0.70 -2.41 -25.31
CA TYR B 252 -0.16 -3.53 -24.85
C TYR B 252 -1.24 -3.83 -25.90
N ASN B 253 -1.89 -2.79 -26.43
CA ASN B 253 -2.96 -2.90 -27.46
C ASN B 253 -2.44 -3.66 -28.70
N ARG B 254 -1.20 -3.37 -29.13
CA ARG B 254 -0.55 -4.01 -30.33
C ARG B 254 -0.37 -5.51 -30.06
N VAL B 255 0.06 -5.87 -28.87
CA VAL B 255 0.24 -7.28 -28.44
C VAL B 255 -1.14 -7.96 -28.46
N VAL B 256 -2.09 -7.30 -27.83
CA VAL B 256 -3.34 -7.92 -27.35
C VAL B 256 -4.25 -8.14 -28.56
N SER B 257 -4.06 -7.33 -29.59
CA SER B 257 -4.82 -7.34 -30.86
C SER B 257 -4.04 -8.11 -31.94
N SER B 258 -2.81 -8.53 -31.65
CA SER B 258 -1.99 -9.36 -32.56
C SER B 258 -2.57 -10.78 -32.63
N TYR B 259 -2.15 -11.54 -33.64
CA TYR B 259 -2.60 -12.92 -33.85
C TYR B 259 -2.10 -13.80 -32.70
N GLU B 260 -1.10 -13.34 -31.97
CA GLU B 260 -0.50 -14.17 -30.89
C GLU B 260 -1.46 -14.35 -29.71
N VAL B 261 -2.44 -13.45 -29.54
CA VAL B 261 -3.31 -13.37 -28.32
C VAL B 261 -4.78 -13.57 -28.71
N SER B 262 -5.52 -14.36 -27.93
CA SER B 262 -6.95 -14.70 -28.15
C SER B 262 -7.89 -13.98 -27.18
N ARG B 263 -7.37 -13.56 -26.01
CA ARG B 263 -8.15 -12.86 -24.95
C ARG B 263 -7.24 -11.84 -24.25
N SER B 264 -7.80 -10.71 -23.86
CA SER B 264 -7.21 -9.88 -22.79
C SER B 264 -8.32 -9.24 -21.97
N TYR B 265 -8.18 -9.24 -20.65
CA TYR B 265 -9.05 -8.45 -19.77
C TYR B 265 -8.16 -7.63 -18.86
N ASN B 266 -8.58 -6.45 -18.46
CA ASN B 266 -7.86 -5.67 -17.43
C ASN B 266 -8.79 -4.61 -16.84
N ASN B 267 -8.32 -3.96 -15.79
CA ASN B 267 -8.99 -2.77 -15.22
C ASN B 267 -8.00 -1.61 -15.36
N CYS B 268 -7.31 -1.50 -16.50
CA CYS B 268 -6.55 -0.31 -16.90
C CYS B 268 -7.46 0.90 -16.86
N PRO B 269 -6.94 2.13 -16.69
CA PRO B 269 -5.51 2.38 -16.66
C PRO B 269 -4.87 2.25 -15.27
N TYR B 270 -3.57 1.97 -15.26
CA TYR B 270 -2.70 2.02 -14.06
C TYR B 270 -1.25 1.99 -14.57
C1 NAG C . -24.45 26.36 4.59
C2 NAG C . -25.34 27.51 4.17
C3 NAG C . -26.44 27.67 5.20
C4 NAG C . -27.11 26.35 5.61
C5 NAG C . -26.06 25.30 5.95
C6 NAG C . -26.57 23.91 6.32
C7 NAG C . -24.65 29.48 2.83
C8 NAG C . -23.75 30.70 2.77
N2 NAG C . -24.57 28.74 3.96
O3 NAG C . -27.38 28.58 4.63
O4 NAG C . -27.82 26.58 6.81
O5 NAG C . -25.25 25.19 4.80
O6 NAG C . -27.46 23.38 5.33
O7 NAG C . -25.40 29.21 1.90
CA CA D . -14.46 8.00 27.95
C1 NAG E . -16.44 -6.21 -10.87
C2 NAG E . -17.83 -5.83 -10.31
C3 NAG E . -19.00 -6.57 -10.98
C4 NAG E . -18.85 -6.57 -12.51
C5 NAG E . -17.40 -6.60 -13.04
C6 NAG E . -17.33 -6.05 -14.47
C7 NAG E . -17.82 -4.97 -8.03
C8 NAG E . -17.11 -5.08 -6.71
N2 NAG E . -17.67 -5.99 -8.87
O3 NAG E . -20.29 -6.00 -10.60
O4 NAG E . -19.55 -7.71 -13.08
O5 NAG E . -16.43 -5.91 -12.26
O6 NAG E . -16.84 -4.70 -14.49
O7 NAG E . -18.40 -3.93 -8.29
CA CA F . 3.71 -23.90 -27.32
#